data_5HUC
#
_entry.id   5HUC
#
_cell.length_a   109.844
_cell.length_b   109.844
_cell.length_c   279.304
_cell.angle_alpha   90.00
_cell.angle_beta   90.00
_cell.angle_gamma   120.00
#
_symmetry.space_group_name_H-M   'P 62 2 2'
#
loop_
_entity.id
_entity.type
_entity.pdbx_description
1 polymer '3-Deoxy-D-arabino-heptulosonate 7-phosphate (DAHP) synthase'
2 non-polymer 'MANGANESE (II) ION'
3 non-polymer PHOSPHOENOLPYRUVATE
4 non-polymer (4S)-2-METHYL-2,4-PENTANEDIOL
5 non-polymer TRYPTOPHAN
6 non-polymer 'PHOSPHATE ION'
7 water water
#
_entity_poly.entity_id   1
_entity_poly.type   'polypeptide(L)'
_entity_poly.pdbx_seq_one_letter_code
;MHHHHHHSSGMSWTVDIPKEVLPDLPPLPEGMQQQFEDTISRDAKQQPTWDRAQAENVRKILESVPPIVVAPEVLELKQK
LADVANGKAFLLQGGDCAETFESNTEPHIRANVKTLLQMAVVLTYGASTPVIKMARIAGQYAKPRSSDLDGNGLPNYRGD
IVNGVEATPEARRHDPARMIRAYANASAAMNLVRALTSSGTADLYRLSEWNREFVANSPAGARYEALAREIDSGLRFMEA
CGVSDESLRAADIYCSHEALLVDYERSMLRLATDEEGNEELYDLSAHQLWIGERTRGMDDFHVNFASMISNPIGIKIGPG
ITPEEAVAYADKLDPNFEPGRLTIVARMGHDKVRSVLPGVIQAVEASGHKVIWQSDPMHGNTFTASNGYKTRHFDKVIDE
VQGFFEVHRALGTHPGGIHIEFTGEDVTECLGGAEDITDVDLPGRYESACDPRLNTQQSLELAFLVAEMLRN
;
_entity_poly.pdbx_strand_id   A
#
loop_
_chem_comp.id
_chem_comp.type
_chem_comp.name
_chem_comp.formula
MN non-polymer 'MANGANESE (II) ION' 'Mn 2'
MPD non-polymer (4S)-2-METHYL-2,4-PENTANEDIOL 'C6 H14 O2'
PEP non-polymer PHOSPHOENOLPYRUVATE 'C3 H5 O6 P'
PO4 non-polymer 'PHOSPHATE ION' 'O4 P -3'
#
# COMPACT_ATOMS: atom_id res chain seq x y z
N ASP A 24 -25.81 14.12 -12.17
CA ASP A 24 -25.02 15.38 -12.37
C ASP A 24 -25.81 16.63 -11.98
N LEU A 25 -25.06 17.69 -11.66
CA LEU A 25 -25.58 19.00 -11.19
C LEU A 25 -24.44 20.00 -10.83
N PRO A 26 -23.44 19.58 -10.01
CA PRO A 26 -22.34 20.51 -9.68
C PRO A 26 -21.16 20.49 -10.67
N PRO A 27 -20.81 21.66 -11.27
CA PRO A 27 -19.60 21.77 -12.08
C PRO A 27 -18.40 22.28 -11.24
N LEU A 28 -17.20 21.80 -11.57
CA LEU A 28 -15.95 22.19 -10.87
C LEU A 28 -15.50 23.59 -11.34
N PRO A 29 -14.54 24.23 -10.62
CA PRO A 29 -14.02 25.54 -11.09
C PRO A 29 -13.25 25.46 -12.41
N GLU A 30 -13.25 26.57 -13.14
CA GLU A 30 -12.90 26.58 -14.58
C GLU A 30 -11.47 26.12 -14.93
N GLY A 31 -10.55 26.23 -13.97
CA GLY A 31 -9.21 25.65 -14.13
C GLY A 31 -9.24 24.15 -14.33
N MET A 32 -10.01 23.46 -13.48
CA MET A 32 -10.00 22.00 -13.42
C MET A 32 -10.98 21.31 -14.36
N GLN A 33 -12.10 21.95 -14.67
CA GLN A 33 -13.20 21.33 -15.43
C GLN A 33 -12.75 20.86 -16.82
N GLN A 34 -11.93 21.66 -17.49
CA GLN A 34 -11.35 21.27 -18.78
C GLN A 34 -10.42 20.06 -18.62
N GLN A 35 -9.61 20.07 -17.57
CA GLN A 35 -8.71 18.95 -17.28
C GLN A 35 -9.47 17.70 -16.82
N PHE A 36 -10.61 17.91 -16.14
CA PHE A 36 -11.45 16.82 -15.67
C PHE A 36 -12.10 16.04 -16.83
N GLU A 37 -12.77 16.77 -17.72
CA GLU A 37 -13.41 16.17 -18.89
C GLU A 37 -12.38 15.50 -19.83
N ASP A 38 -11.21 16.12 -19.94
CA ASP A 38 -10.05 15.57 -20.65
C ASP A 38 -9.61 14.22 -20.03
N THR A 39 -9.68 14.12 -18.71
CA THR A 39 -9.29 12.89 -17.99
C THR A 39 -10.30 11.76 -18.20
N ILE A 40 -11.59 12.06 -18.00
CA ILE A 40 -12.68 11.07 -18.20
C ILE A 40 -12.65 10.47 -19.62
N SER A 41 -12.36 11.32 -20.60
CA SER A 41 -12.28 10.90 -22.01
C SER A 41 -11.21 9.85 -22.34
N ARG A 42 -10.20 9.68 -21.48
CA ARG A 42 -9.11 8.74 -21.75
C ARG A 42 -9.56 7.28 -21.55
N ASP A 43 -8.80 6.37 -22.13
CA ASP A 43 -9.06 4.93 -21.99
C ASP A 43 -8.62 4.51 -20.60
N ALA A 44 -9.52 3.87 -19.87
CA ALA A 44 -9.17 3.22 -18.62
C ALA A 44 -9.07 1.72 -18.89
N LYS A 45 -7.94 1.13 -18.53
CA LYS A 45 -7.75 -0.32 -18.64
C LYS A 45 -8.30 -0.98 -17.39
N GLN A 46 -8.45 -2.30 -17.46
CA GLN A 46 -8.88 -3.12 -16.32
C GLN A 46 -10.23 -2.71 -15.71
N GLN A 47 -11.12 -2.15 -16.52
CA GLN A 47 -12.42 -1.67 -16.03
C GLN A 47 -13.46 -2.78 -16.09
N PRO A 48 -14.52 -2.64 -15.27
CA PRO A 48 -15.59 -3.63 -15.30
C PRO A 48 -16.55 -3.41 -16.47
N THR A 49 -17.03 -4.51 -17.06
CA THR A 49 -18.19 -4.49 -17.97
C THR A 49 -19.54 -4.60 -17.20
N TRP A 50 -20.25 -3.48 -17.09
CA TRP A 50 -21.56 -3.44 -16.41
C TRP A 50 -22.48 -2.34 -16.96
N ASP A 51 -23.71 -2.27 -16.44
CA ASP A 51 -24.70 -1.28 -16.90
C ASP A 51 -24.25 0.13 -16.57
N ARG A 52 -24.34 1.04 -17.56
CA ARG A 52 -23.82 2.40 -17.41
C ARG A 52 -24.77 3.28 -16.59
N ALA A 53 -26.04 3.31 -16.97
CA ALA A 53 -27.07 4.09 -16.27
C ALA A 53 -27.16 3.72 -14.78
N GLN A 54 -26.99 2.43 -14.48
CA GLN A 54 -27.00 1.93 -13.11
C GLN A 54 -25.75 2.34 -12.35
N ALA A 55 -24.58 2.10 -12.94
CA ALA A 55 -23.29 2.50 -12.34
C ALA A 55 -23.15 4.02 -12.20
N GLU A 56 -23.79 4.77 -13.09
CA GLU A 56 -23.88 6.23 -12.95
C GLU A 56 -24.69 6.63 -11.71
N ASN A 57 -25.81 5.94 -11.46
CA ASN A 57 -26.61 6.16 -10.24
C ASN A 57 -25.83 5.91 -8.95
N VAL A 58 -25.06 4.82 -8.94
CA VAL A 58 -24.23 4.48 -7.79
C VAL A 58 -23.21 5.60 -7.51
N ARG A 59 -22.64 6.14 -8.59
CA ARG A 59 -21.68 7.24 -8.48
C ARG A 59 -22.33 8.52 -7.95
N LYS A 60 -23.52 8.86 -8.44
CA LYS A 60 -24.26 10.02 -7.95
C LYS A 60 -24.63 9.91 -6.47
N ILE A 61 -24.88 8.68 -6.01
CA ILE A 61 -25.16 8.41 -4.59
C ILE A 61 -23.90 8.64 -3.75
N LEU A 62 -22.79 8.04 -4.19
CA LEU A 62 -21.51 8.18 -3.48
C LEU A 62 -20.90 9.60 -3.54
N GLU A 63 -21.37 10.43 -4.46
CA GLU A 63 -20.93 11.85 -4.50
C GLU A 63 -21.30 12.70 -3.26
N SER A 64 -22.30 12.29 -2.50
CA SER A 64 -22.76 13.06 -1.32
C SER A 64 -22.43 12.43 0.05
N VAL A 65 -21.96 11.17 0.08
CA VAL A 65 -21.68 10.48 1.35
C VAL A 65 -20.50 11.11 2.12
N PRO A 66 -20.31 10.72 3.40
CA PRO A 66 -19.09 11.11 4.09
C PRO A 66 -17.87 10.50 3.44
N PRO A 67 -16.78 11.27 3.28
CA PRO A 67 -15.57 10.68 2.72
C PRO A 67 -14.89 9.78 3.74
N ILE A 68 -14.01 8.90 3.25
CA ILE A 68 -13.25 7.98 4.09
C ILE A 68 -12.19 8.73 4.91
N VAL A 69 -11.64 9.80 4.33
CA VAL A 69 -10.67 10.68 5.01
C VAL A 69 -11.03 12.14 4.78
N VAL A 70 -10.35 13.04 5.47
CA VAL A 70 -10.58 14.48 5.32
C VAL A 70 -9.30 15.17 4.87
N ALA A 71 -9.45 16.25 4.11
CA ALA A 71 -8.33 16.96 3.49
C ALA A 71 -7.18 17.32 4.44
N PRO A 72 -7.48 17.81 5.67
CA PRO A 72 -6.40 18.11 6.62
C PRO A 72 -5.48 16.92 6.99
N GLU A 73 -6.01 15.71 6.94
CA GLU A 73 -5.20 14.50 7.17
C GLU A 73 -4.31 14.20 5.97
N VAL A 74 -4.80 14.51 4.78
CA VAL A 74 -4.05 14.35 3.54
C VAL A 74 -2.91 15.38 3.45
N LEU A 75 -3.20 16.63 3.85
CA LEU A 75 -2.17 17.67 3.97
C LEU A 75 -1.09 17.28 4.98
N GLU A 76 -1.52 16.80 6.13
CA GLU A 76 -0.60 16.31 7.17
C GLU A 76 0.28 15.16 6.67
N LEU A 77 -0.29 14.27 5.86
CA LEU A 77 0.48 13.18 5.24
C LEU A 77 1.52 13.71 4.25
N LYS A 78 1.12 14.67 3.42
CA LYS A 78 2.05 15.26 2.44
C LYS A 78 3.26 15.91 3.09
N GLN A 79 3.05 16.50 4.28
CA GLN A 79 4.16 17.02 5.08
C GLN A 79 5.05 15.89 5.62
N LYS A 80 4.44 14.81 6.09
CA LYS A 80 5.18 13.64 6.58
C LYS A 80 5.91 12.92 5.45
N LEU A 81 5.28 12.80 4.29
CA LEU A 81 5.90 12.19 3.11
C LEU A 81 7.01 13.05 2.51
N ALA A 82 6.92 14.37 2.68
CA ALA A 82 8.04 15.27 2.35
C ALA A 82 9.28 14.97 3.17
N ASP A 83 9.09 14.66 4.46
CA ASP A 83 10.20 14.26 5.35
C ASP A 83 10.85 12.95 4.89
N VAL A 84 10.05 12.04 4.34
CA VAL A 84 10.55 10.75 3.83
C VAL A 84 11.40 10.98 2.57
N ALA A 85 10.91 11.85 1.68
CA ALA A 85 11.63 12.20 0.44
C ALA A 85 12.96 12.91 0.70
N ASN A 86 12.99 13.77 1.72
CA ASN A 86 14.19 14.52 2.11
C ASN A 86 15.14 13.76 3.06
N GLY A 87 14.83 12.49 3.35
CA GLY A 87 15.71 11.62 4.13
C GLY A 87 15.47 11.56 5.64
N LYS A 88 14.49 12.30 6.14
CA LYS A 88 14.22 12.39 7.59
C LYS A 88 13.31 11.29 8.16
N ALA A 89 12.69 10.48 7.29
CA ALA A 89 11.73 9.46 7.74
C ALA A 89 11.63 8.28 6.76
N PHE A 90 10.95 7.22 7.21
CA PHE A 90 10.77 5.99 6.42
C PHE A 90 9.27 5.74 6.20
N LEU A 91 8.92 5.02 5.14
CA LEU A 91 7.52 4.74 4.79
C LEU A 91 7.23 3.24 4.86
N LEU A 92 6.37 2.83 5.80
CA LEU A 92 5.93 1.44 5.87
C LEU A 92 4.52 1.34 5.30
N GLN A 93 4.41 0.79 4.10
CA GLN A 93 3.12 0.55 3.45
C GLN A 93 2.86 -0.94 3.37
N GLY A 94 1.63 -1.37 3.66
CA GLY A 94 1.26 -2.78 3.49
C GLY A 94 -0.02 -3.24 4.15
N GLY A 95 -0.42 -4.47 3.81
CA GLY A 95 -1.67 -5.06 4.30
C GLY A 95 -2.11 -6.21 3.41
N ASP A 96 -3.42 -6.47 3.34
CA ASP A 96 -3.95 -7.47 2.40
C ASP A 96 -3.64 -7.09 0.97
N CYS A 97 -3.54 -8.10 0.10
CA CYS A 97 -3.39 -7.86 -1.33
C CYS A 97 -4.71 -7.33 -1.88
N ALA A 98 -5.78 -8.06 -1.59
CA ALA A 98 -7.14 -7.60 -1.82
C ALA A 98 -7.94 -7.86 -0.54
N GLU A 99 -8.59 -6.82 -0.04
CA GLU A 99 -9.58 -6.96 1.03
C GLU A 99 -10.80 -7.66 0.46
N THR A 100 -11.49 -8.43 1.30
CA THR A 100 -12.80 -8.98 0.94
C THR A 100 -13.80 -8.59 2.01
N PHE A 101 -15.06 -8.46 1.62
CA PHE A 101 -16.15 -8.15 2.55
C PHE A 101 -16.25 -9.23 3.65
N GLU A 102 -16.04 -10.48 3.26
CA GLU A 102 -15.98 -11.62 4.20
C GLU A 102 -14.85 -11.45 5.23
N SER A 103 -13.68 -11.00 4.77
CA SER A 103 -12.49 -10.82 5.63
C SER A 103 -12.43 -9.50 6.40
N ASN A 104 -13.29 -8.55 6.04
CA ASN A 104 -13.31 -7.23 6.67
C ASN A 104 -14.00 -7.28 8.03
N THR A 105 -13.30 -7.87 9.01
CA THR A 105 -13.83 -8.11 10.36
C THR A 105 -12.92 -7.54 11.42
N GLU A 106 -13.43 -7.46 12.64
CA GLU A 106 -12.70 -6.87 13.76
C GLU A 106 -11.41 -7.62 14.12
N PRO A 107 -11.46 -8.97 14.21
CA PRO A 107 -10.22 -9.71 14.51
C PRO A 107 -9.16 -9.60 13.41
N HIS A 108 -9.59 -9.65 12.15
CA HIS A 108 -8.68 -9.57 11.00
C HIS A 108 -8.01 -8.20 10.89
N ILE A 109 -8.82 -7.14 10.97
CA ILE A 109 -8.29 -5.77 10.90
C ILE A 109 -7.36 -5.48 12.09
N ARG A 110 -7.74 -5.95 13.27
CA ARG A 110 -6.89 -5.85 14.47
C ARG A 110 -5.54 -6.49 14.24
N ALA A 111 -5.54 -7.71 13.70
CA ALA A 111 -4.32 -8.47 13.45
C ALA A 111 -3.38 -7.77 12.47
N ASN A 112 -3.95 -7.27 11.38
CA ASN A 112 -3.17 -6.50 10.38
C ASN A 112 -2.64 -5.18 10.93
N VAL A 113 -3.47 -4.48 11.69
CA VAL A 113 -3.04 -3.25 12.37
C VAL A 113 -1.93 -3.56 13.36
N LYS A 114 -2.08 -4.62 14.15
CA LYS A 114 -1.04 -5.06 15.09
C LYS A 114 0.31 -5.27 14.40
N THR A 115 0.35 -6.15 13.38
CA THR A 115 1.62 -6.46 12.74
C THR A 115 2.21 -5.22 12.07
N LEU A 116 1.38 -4.41 11.41
CA LEU A 116 1.83 -3.14 10.83
C LEU A 116 2.58 -2.29 11.85
N LEU A 117 2.01 -2.17 13.05
CA LEU A 117 2.63 -1.39 14.14
C LEU A 117 3.85 -2.10 14.72
N GLN A 118 3.72 -3.41 14.93
CA GLN A 118 4.85 -4.22 15.43
C GLN A 118 6.08 -4.13 14.53
N MET A 119 5.86 -4.13 13.22
CA MET A 119 6.94 -3.91 12.26
C MET A 119 7.48 -2.49 12.38
N ALA A 120 6.56 -1.52 12.39
CA ALA A 120 6.90 -0.09 12.41
C ALA A 120 7.86 0.33 13.55
N VAL A 121 7.65 -0.25 14.74
CA VAL A 121 8.54 0.03 15.88
C VAL A 121 9.96 -0.50 15.69
N VAL A 122 10.10 -1.68 15.09
CA VAL A 122 11.41 -2.28 14.80
C VAL A 122 12.09 -1.47 13.69
N LEU A 123 11.34 -1.20 12.62
CA LEU A 123 11.80 -0.32 11.53
C LEU A 123 12.23 1.07 12.01
N THR A 124 11.55 1.60 13.02
CA THR A 124 11.89 2.90 13.60
C THR A 124 13.25 2.86 14.30
N TYR A 125 13.52 1.80 15.06
CA TYR A 125 14.80 1.64 15.75
C TYR A 125 15.98 1.51 14.78
N GLY A 126 15.79 0.66 13.77
CA GLY A 126 16.81 0.40 12.76
C GLY A 126 17.11 1.63 11.93
N ALA A 127 16.06 2.23 11.37
CA ALA A 127 16.19 3.45 10.56
C ALA A 127 16.63 4.67 11.36
N SER A 128 16.38 4.65 12.68
CA SER A 128 16.64 5.78 13.57
C SER A 128 15.87 7.06 13.14
N THR A 129 14.69 6.85 12.57
CA THR A 129 13.83 7.95 12.07
C THR A 129 12.36 7.57 12.25
N PRO A 130 11.45 8.56 12.12
CA PRO A 130 10.02 8.27 12.10
C PRO A 130 9.62 7.32 10.97
N VAL A 131 8.87 6.27 11.32
CA VAL A 131 8.27 5.38 10.34
C VAL A 131 6.82 5.82 10.17
N ILE A 132 6.48 6.27 8.96
CA ILE A 132 5.13 6.69 8.63
C ILE A 132 4.36 5.46 8.14
N LYS A 133 3.21 5.19 8.76
CA LYS A 133 2.47 3.94 8.55
C LYS A 133 1.29 4.13 7.60
N MET A 134 1.42 3.57 6.40
CA MET A 134 0.35 3.50 5.41
C MET A 134 -0.13 2.05 5.37
N ALA A 135 -1.41 1.86 5.12
CA ALA A 135 -1.98 0.50 5.08
C ALA A 135 -2.77 0.26 3.80
N ARG A 136 -2.67 -0.97 3.30
CA ARG A 136 -3.55 -1.47 2.27
C ARG A 136 -4.84 -1.83 3.00
N ILE A 137 -5.75 -0.88 3.03
CA ILE A 137 -6.99 -1.01 3.81
C ILE A 137 -8.00 0.07 3.42
N ALA A 138 -9.27 -0.18 3.73
CA ALA A 138 -10.35 0.80 3.55
C ALA A 138 -10.57 1.22 2.09
N GLY A 139 -10.54 0.25 1.19
CA GLY A 139 -10.65 0.55 -0.24
C GLY A 139 -9.96 -0.41 -1.21
N GLN A 140 -8.96 -1.15 -0.73
CA GLN A 140 -8.24 -2.12 -1.56
C GLN A 140 -9.10 -3.36 -1.85
N TYR A 141 -10.05 -3.17 -2.77
CA TYR A 141 -10.98 -4.22 -3.18
C TYR A 141 -10.78 -4.59 -4.65
N ALA A 142 -10.63 -3.59 -5.51
CA ALA A 142 -10.31 -3.82 -6.93
C ALA A 142 -9.00 -4.61 -7.08
N LYS A 143 -9.02 -5.56 -8.01
CA LYS A 143 -7.88 -6.44 -8.26
C LYS A 143 -7.67 -6.56 -9.79
N PRO A 144 -6.57 -5.97 -10.31
CA PRO A 144 -6.32 -6.05 -11.77
C PRO A 144 -5.70 -7.35 -12.28
N ARG A 145 -4.88 -8.01 -11.46
CA ARG A 145 -4.14 -9.21 -11.93
C ARG A 145 -5.10 -10.33 -12.32
N SER A 146 -5.32 -10.46 -13.64
CA SER A 146 -6.28 -11.40 -14.20
C SER A 146 -6.19 -11.42 -15.72
N SER A 147 -6.57 -12.55 -16.31
CA SER A 147 -6.87 -12.63 -17.75
C SER A 147 -8.38 -12.42 -17.90
N ASP A 148 -8.78 -11.55 -18.83
CA ASP A 148 -10.20 -11.14 -19.02
C ASP A 148 -11.22 -12.25 -18.71
N LEU A 149 -11.07 -13.38 -19.40
CA LEU A 149 -11.94 -14.54 -19.24
C LEU A 149 -11.13 -15.70 -18.66
N ASP A 150 -11.75 -16.49 -17.78
CA ASP A 150 -11.10 -17.64 -17.14
C ASP A 150 -11.39 -18.90 -17.96
N GLY A 151 -10.93 -20.05 -17.47
CA GLY A 151 -11.33 -21.34 -18.03
C GLY A 151 -12.82 -21.57 -17.94
N ASN A 152 -13.33 -22.44 -18.80
CA ASN A 152 -14.77 -22.74 -18.96
C ASN A 152 -15.60 -21.63 -19.62
N GLY A 153 -14.95 -20.57 -20.11
CA GLY A 153 -15.65 -19.39 -20.63
C GLY A 153 -16.44 -18.63 -19.58
N LEU A 154 -15.85 -18.44 -18.40
CA LEU A 154 -16.50 -17.82 -17.24
C LEU A 154 -15.65 -16.66 -16.73
N PRO A 155 -16.25 -15.45 -16.55
CA PRO A 155 -15.46 -14.28 -16.17
C PRO A 155 -14.92 -14.41 -14.74
N ASN A 156 -13.64 -14.11 -14.56
CA ASN A 156 -12.95 -14.33 -13.28
C ASN A 156 -13.15 -13.20 -12.26
N TYR A 157 -12.80 -13.51 -11.01
CA TYR A 157 -12.93 -12.59 -9.88
C TYR A 157 -12.04 -11.35 -10.04
N ARG A 158 -12.66 -10.18 -10.10
CA ARG A 158 -11.93 -8.90 -10.20
C ARG A 158 -12.01 -8.07 -8.92
N GLY A 159 -12.24 -8.73 -7.78
CA GLY A 159 -12.39 -8.04 -6.48
C GLY A 159 -13.83 -7.84 -6.04
N ASP A 160 -14.06 -7.82 -4.72
CA ASP A 160 -15.41 -7.66 -4.15
C ASP A 160 -16.14 -6.36 -4.53
N ILE A 161 -15.42 -5.33 -4.97
CA ILE A 161 -16.04 -4.11 -5.51
C ILE A 161 -16.66 -4.29 -6.91
N VAL A 162 -16.33 -5.39 -7.59
CA VAL A 162 -16.85 -5.68 -8.94
C VAL A 162 -17.76 -6.91 -8.96
N ASN A 163 -17.30 -8.02 -8.38
CA ASN A 163 -18.09 -9.28 -8.36
C ASN A 163 -17.66 -10.21 -7.21
N GLY A 164 -18.32 -11.36 -7.08
CA GLY A 164 -18.08 -12.30 -5.98
C GLY A 164 -17.04 -13.37 -6.27
N VAL A 165 -16.48 -13.93 -5.20
CA VAL A 165 -15.43 -14.96 -5.28
C VAL A 165 -16.01 -16.30 -5.74
N GLU A 166 -17.26 -16.58 -5.34
CA GLU A 166 -18.04 -17.74 -5.81
C GLU A 166 -17.83 -18.03 -7.29
N ALA A 167 -17.35 -19.24 -7.61
CA ALA A 167 -17.05 -19.63 -8.99
C ALA A 167 -18.29 -20.09 -9.76
N THR A 168 -19.19 -19.14 -10.04
CA THR A 168 -20.46 -19.38 -10.75
C THR A 168 -20.81 -18.12 -11.57
N PRO A 169 -21.51 -18.29 -12.72
CA PRO A 169 -21.90 -17.08 -13.50
C PRO A 169 -22.87 -16.11 -12.79
N GLU A 170 -23.55 -16.58 -11.75
CA GLU A 170 -24.42 -15.74 -10.92
C GLU A 170 -23.60 -14.69 -10.15
N ALA A 171 -22.66 -15.18 -9.35
CA ALA A 171 -21.86 -14.32 -8.47
C ALA A 171 -20.80 -13.51 -9.22
N ARG A 172 -20.23 -14.10 -10.28
CA ARG A 172 -19.22 -13.43 -11.11
C ARG A 172 -19.74 -12.31 -12.04
N ARG A 173 -21.06 -12.18 -12.17
N ARG A 173 -21.06 -12.17 -12.18
CA ARG A 173 -21.68 -11.05 -12.86
CA ARG A 173 -21.63 -11.07 -12.94
C ARG A 173 -21.25 -9.72 -12.25
C ARG A 173 -21.28 -9.73 -12.27
N HIS A 174 -20.91 -8.74 -13.09
CA HIS A 174 -20.42 -7.46 -12.62
C HIS A 174 -21.58 -6.62 -12.09
N ASP A 175 -21.43 -6.14 -10.85
CA ASP A 175 -22.51 -5.53 -10.08
C ASP A 175 -22.06 -4.15 -9.57
N PRO A 176 -22.57 -3.06 -10.19
CA PRO A 176 -22.33 -1.69 -9.73
C PRO A 176 -22.63 -1.42 -8.24
N ALA A 177 -23.64 -2.09 -7.71
CA ALA A 177 -24.01 -1.97 -6.29
C ALA A 177 -22.86 -2.29 -5.33
N ARG A 178 -21.96 -3.17 -5.76
CA ARG A 178 -20.77 -3.50 -4.96
C ARG A 178 -19.86 -2.30 -4.65
N MET A 179 -19.91 -1.24 -5.47
CA MET A 179 -19.25 0.02 -5.12
C MET A 179 -19.78 0.60 -3.81
N ILE A 180 -21.10 0.58 -3.64
CA ILE A 180 -21.73 1.04 -2.38
C ILE A 180 -21.40 0.10 -1.22
N ARG A 181 -21.43 -1.19 -1.48
CA ARG A 181 -21.01 -2.18 -0.47
C ARG A 181 -19.56 -1.93 -0.08
N ALA A 182 -18.71 -1.61 -1.06
CA ALA A 182 -17.30 -1.37 -0.82
C ALA A 182 -17.09 -0.11 0.01
N TYR A 183 -17.76 0.97 -0.36
CA TYR A 183 -17.69 2.22 0.43
C TYR A 183 -18.10 1.98 1.89
N ALA A 184 -19.20 1.25 2.08
CA ALA A 184 -19.66 0.90 3.42
C ALA A 184 -18.57 0.16 4.20
N ASN A 185 -18.05 -0.91 3.62
CA ASN A 185 -16.97 -1.68 4.26
C ASN A 185 -15.69 -0.89 4.49
N ALA A 186 -15.39 0.05 3.59
CA ALA A 186 -14.24 0.93 3.73
C ALA A 186 -14.39 1.84 4.93
N SER A 187 -15.53 2.52 5.00
CA SER A 187 -15.84 3.43 6.13
C SER A 187 -15.89 2.69 7.48
N ALA A 188 -16.38 1.45 7.46
CA ALA A 188 -16.32 0.58 8.65
C ALA A 188 -14.88 0.28 9.07
N ALA A 189 -14.05 -0.11 8.10
CA ALA A 189 -12.65 -0.45 8.37
C ALA A 189 -11.87 0.73 8.90
N MET A 190 -11.96 1.88 8.22
CA MET A 190 -11.23 3.07 8.66
C MET A 190 -11.74 3.58 10.00
N ASN A 191 -13.03 3.45 10.27
CA ASN A 191 -13.57 3.76 11.60
C ASN A 191 -12.88 2.93 12.68
N LEU A 192 -12.72 1.63 12.42
CA LEU A 192 -12.06 0.74 13.37
C LEU A 192 -10.58 1.05 13.58
N VAL A 193 -9.84 1.35 12.50
CA VAL A 193 -8.38 1.59 12.66
C VAL A 193 -8.14 2.88 13.44
N ARG A 194 -8.95 3.89 13.17
CA ARG A 194 -8.96 5.12 13.98
C ARG A 194 -9.24 4.80 15.44
N ALA A 195 -10.26 3.98 15.67
CA ALA A 195 -10.65 3.57 17.04
C ALA A 195 -9.52 2.81 17.73
N LEU A 196 -9.04 1.77 17.07
CA LEU A 196 -7.93 0.96 17.58
C LEU A 196 -6.70 1.79 17.95
N THR A 197 -6.30 2.68 17.05
CA THR A 197 -5.10 3.50 17.26
C THR A 197 -5.22 4.49 18.42
N SER A 198 -6.41 5.09 18.59
CA SER A 198 -6.67 6.02 19.71
C SER A 198 -6.90 5.32 21.05
N SER A 199 -7.50 4.12 21.01
CA SER A 199 -7.87 3.39 22.24
C SER A 199 -6.73 2.57 22.89
N GLY A 200 -5.51 2.68 22.36
CA GLY A 200 -4.32 2.17 23.03
C GLY A 200 -3.84 0.77 22.67
N THR A 201 -4.20 0.27 21.49
CA THR A 201 -3.55 -0.92 20.91
C THR A 201 -2.30 -0.52 20.08
N ALA A 202 -2.06 0.79 19.95
CA ALA A 202 -0.81 1.33 19.40
C ALA A 202 0.12 1.94 20.47
N ASP A 203 0.07 1.39 21.70
CA ASP A 203 1.00 1.77 22.78
C ASP A 203 2.24 0.89 22.63
N LEU A 204 3.39 1.52 22.40
CA LEU A 204 4.60 0.80 21.95
C LEU A 204 5.27 -0.08 23.01
N TYR A 205 4.94 0.13 24.28
CA TYR A 205 5.40 -0.79 25.35
C TYR A 205 4.72 -2.15 25.19
N ARG A 206 3.42 -2.14 24.89
CA ARG A 206 2.67 -3.38 24.59
C ARG A 206 3.13 -4.03 23.29
N LEU A 207 3.43 -3.22 22.27
CA LEU A 207 3.90 -3.74 20.97
C LEU A 207 5.24 -4.46 21.09
N SER A 208 6.16 -3.89 21.86
CA SER A 208 7.46 -4.53 22.12
C SER A 208 7.31 -5.84 22.91
N GLU A 209 6.37 -5.86 23.86
CA GLU A 209 6.05 -7.09 24.60
C GLU A 209 5.59 -8.22 23.66
N TRP A 210 4.82 -7.87 22.63
CA TRP A 210 4.43 -8.81 21.58
C TRP A 210 5.62 -9.21 20.69
N ASN A 211 6.48 -8.25 20.36
CA ASN A 211 7.70 -8.52 19.59
C ASN A 211 8.68 -9.48 20.28
N ARG A 212 8.77 -9.40 21.61
CA ARG A 212 9.59 -10.34 22.38
C ARG A 212 8.96 -11.73 22.48
N GLU A 213 7.62 -11.81 22.41
CA GLU A 213 6.93 -13.10 22.29
C GLU A 213 7.15 -13.77 20.92
N PHE A 214 7.29 -12.96 19.87
CA PHE A 214 7.65 -13.46 18.53
C PHE A 214 9.07 -14.03 18.50
N VAL A 215 10.02 -13.25 19.01
CA VAL A 215 11.44 -13.62 19.03
C VAL A 215 11.69 -14.87 19.89
N ALA A 216 11.01 -14.96 21.03
CA ALA A 216 11.10 -16.14 21.91
C ALA A 216 10.56 -17.41 21.24
N ASN A 217 9.41 -17.30 20.59
CA ASN A 217 8.72 -18.45 19.96
C ASN A 217 9.09 -18.75 18.49
N SER A 218 9.93 -17.92 17.87
CA SER A 218 10.38 -18.15 16.49
C SER A 218 11.49 -19.20 16.46
N PRO A 219 11.51 -20.09 15.44
CA PRO A 219 12.61 -21.07 15.28
C PRO A 219 14.00 -20.45 15.11
N ALA A 220 14.08 -19.32 14.40
CA ALA A 220 15.31 -18.52 14.28
C ALA A 220 15.22 -17.34 15.26
N GLY A 221 14.97 -17.67 16.53
CA GLY A 221 14.73 -16.68 17.58
C GLY A 221 16.00 -15.98 18.02
N ALA A 222 17.02 -16.78 18.34
CA ALA A 222 18.34 -16.27 18.73
C ALA A 222 19.11 -15.57 17.59
N ARG A 223 18.60 -15.63 16.36
CA ARG A 223 19.22 -14.99 15.20
C ARG A 223 18.83 -13.51 15.06
N TYR A 224 17.74 -13.11 15.73
CA TYR A 224 17.34 -11.70 15.84
C TYR A 224 17.29 -11.18 17.29
N GLU A 225 17.67 -12.01 18.26
CA GLU A 225 17.57 -11.66 19.69
C GLU A 225 18.56 -10.57 20.11
N ALA A 226 19.62 -10.37 19.31
CA ALA A 226 20.56 -9.26 19.52
C ALA A 226 19.85 -7.90 19.40
N LEU A 227 19.11 -7.73 18.32
CA LEU A 227 18.38 -6.48 18.04
C LEU A 227 17.14 -6.34 18.95
N ALA A 228 16.49 -7.47 19.26
CA ALA A 228 15.27 -7.46 20.09
C ALA A 228 15.53 -6.99 21.52
N ARG A 229 16.63 -7.47 22.10
CA ARG A 229 17.09 -7.01 23.42
C ARG A 229 17.55 -5.54 23.36
N GLU A 230 18.19 -5.18 22.25
CA GLU A 230 18.66 -3.80 22.02
C GLU A 230 17.53 -2.77 21.90
N ILE A 231 16.41 -3.15 21.27
CA ILE A 231 15.19 -2.32 21.25
C ILE A 231 14.57 -2.26 22.64
N ASP A 232 14.58 -3.40 23.34
CA ASP A 232 14.08 -3.48 24.71
C ASP A 232 14.85 -2.55 25.66
N SER A 233 16.16 -2.40 25.42
CA SER A 233 17.02 -1.49 26.18
C SER A 233 16.67 -0.02 25.95
N GLY A 234 16.44 0.35 24.69
CA GLY A 234 16.03 1.72 24.32
C GLY A 234 14.68 2.13 24.87
N LEU A 235 13.75 1.19 24.97
CA LEU A 235 12.43 1.45 25.57
C LEU A 235 12.50 1.58 27.09
N ARG A 236 13.33 0.74 27.73
CA ARG A 236 13.64 0.89 29.16
C ARG A 236 14.31 2.24 29.41
N PHE A 237 15.29 2.57 28.58
CA PHE A 237 16.02 3.85 28.64
C PHE A 237 15.09 5.07 28.53
N MET A 238 14.16 5.03 27.59
CA MET A 238 13.13 6.07 27.45
C MET A 238 12.37 6.32 28.75
N GLU A 239 11.94 5.24 29.39
CA GLU A 239 11.18 5.31 30.65
C GLU A 239 12.04 5.80 31.81
N ALA A 240 13.31 5.39 31.82
CA ALA A 240 14.28 5.83 32.83
C ALA A 240 14.61 7.33 32.74
N CYS A 241 14.68 7.84 31.52
CA CYS A 241 14.87 9.29 31.28
C CYS A 241 13.65 10.13 31.66
N GLY A 242 12.50 9.47 31.88
CA GLY A 242 11.32 10.12 32.44
C GLY A 242 10.49 10.81 31.38
N VAL A 243 10.25 10.11 30.27
CA VAL A 243 9.40 10.63 29.19
C VAL A 243 7.94 10.24 29.45
N SER A 244 7.04 11.22 29.27
CA SER A 244 5.61 10.98 29.39
C SER A 244 5.09 10.38 28.10
N ASP A 245 4.41 9.24 28.19
CA ASP A 245 3.79 8.61 27.01
C ASP A 245 2.67 9.49 26.43
N GLU A 246 3.10 10.53 25.72
CA GLU A 246 2.24 11.57 25.19
C GLU A 246 1.96 11.28 23.72
N SER A 247 3.03 11.21 22.92
CA SER A 247 2.97 10.75 21.53
C SER A 247 3.22 9.24 21.41
N LEU A 248 3.48 8.58 22.54
CA LEU A 248 3.79 7.14 22.59
C LEU A 248 2.55 6.26 22.72
N ARG A 249 1.48 6.80 23.30
CA ARG A 249 0.26 6.04 23.60
C ARG A 249 -0.61 5.74 22.35
N ALA A 250 -0.51 6.59 21.33
CA ALA A 250 -1.30 6.42 20.09
C ALA A 250 -0.52 6.88 18.85
N ALA A 251 -0.73 6.19 17.73
CA ALA A 251 -0.04 6.46 16.47
C ALA A 251 -1.03 6.71 15.33
N ASP A 252 -0.48 7.08 14.17
CA ASP A 252 -1.27 7.36 12.97
C ASP A 252 -1.03 6.28 11.92
N ILE A 253 -2.07 5.50 11.63
CA ILE A 253 -2.12 4.60 10.49
C ILE A 253 -2.97 5.27 9.39
N TYR A 254 -2.33 5.60 8.27
CA TYR A 254 -3.03 6.14 7.11
C TYR A 254 -3.50 4.95 6.27
N CYS A 255 -4.26 5.22 5.21
CA CYS A 255 -4.90 4.17 4.42
C CYS A 255 -4.66 4.46 2.97
N SER A 256 -4.61 3.38 2.19
CA SER A 256 -4.29 3.45 0.78
C SER A 256 -4.83 2.26 0.02
N HIS A 257 -5.14 2.48 -1.25
CA HIS A 257 -5.46 1.40 -2.18
C HIS A 257 -5.05 1.83 -3.58
N GLU A 258 -5.15 0.90 -4.53
CA GLU A 258 -4.89 1.20 -5.93
C GLU A 258 -6.11 1.87 -6.56
N ALA A 259 -5.96 3.14 -6.93
CA ALA A 259 -7.01 3.86 -7.66
C ALA A 259 -7.18 3.20 -9.02
N LEU A 260 -8.29 2.48 -9.18
CA LEU A 260 -8.49 1.59 -10.32
C LEU A 260 -9.85 1.76 -10.98
N LEU A 261 -10.94 1.66 -10.21
CA LEU A 261 -12.29 1.89 -10.76
C LEU A 261 -12.58 3.36 -10.99
N VAL A 262 -12.82 3.72 -12.24
CA VAL A 262 -13.11 5.11 -12.62
C VAL A 262 -14.27 5.65 -11.79
N ASP A 263 -15.36 4.89 -11.76
CA ASP A 263 -16.60 5.28 -11.09
C ASP A 263 -16.44 5.52 -9.58
N TYR A 264 -15.82 4.55 -8.89
CA TYR A 264 -15.62 4.64 -7.45
C TYR A 264 -14.72 5.80 -7.06
N GLU A 265 -13.64 6.00 -7.81
CA GLU A 265 -12.67 7.04 -7.49
C GLU A 265 -13.17 8.43 -7.87
N ARG A 266 -13.90 8.54 -8.98
CA ARG A 266 -14.46 9.84 -9.37
C ARG A 266 -15.62 10.28 -8.48
N SER A 267 -16.33 9.30 -7.89
CA SER A 267 -17.41 9.57 -6.96
C SER A 267 -16.90 10.12 -5.63
N MET A 268 -15.70 9.68 -5.21
CA MET A 268 -15.08 10.16 -3.97
C MET A 268 -14.26 11.44 -4.11
N LEU A 269 -14.33 12.12 -5.28
CA LEU A 269 -13.70 13.43 -5.45
C LEU A 269 -14.42 14.49 -4.63
N ARG A 270 -13.64 15.30 -3.93
CA ARG A 270 -14.17 16.37 -3.08
C ARG A 270 -13.26 17.59 -3.19
N LEU A 271 -13.85 18.77 -3.09
CA LEU A 271 -13.08 20.02 -2.95
C LEU A 271 -12.86 20.33 -1.48
N ALA A 272 -11.81 21.10 -1.21
CA ALA A 272 -11.47 21.46 0.16
C ALA A 272 -10.69 22.77 0.17
N THR A 273 -11.23 23.77 0.86
CA THR A 273 -10.56 25.06 1.03
C THR A 273 -9.44 24.92 2.05
N ASP A 274 -8.21 25.21 1.63
CA ASP A 274 -7.03 25.17 2.50
C ASP A 274 -7.15 26.26 3.57
N GLU A 275 -6.54 26.02 4.73
CA GLU A 275 -6.60 26.96 5.86
C GLU A 275 -5.99 28.33 5.51
N GLU A 276 -5.04 28.34 4.58
CA GLU A 276 -4.46 29.58 4.06
C GLU A 276 -5.51 30.39 3.27
N GLY A 277 -6.14 29.75 2.29
CA GLY A 277 -7.15 30.42 1.45
C GLY A 277 -7.56 29.68 0.20
N ASN A 278 -6.56 29.17 -0.54
CA ASN A 278 -6.81 28.48 -1.82
C ASN A 278 -7.50 27.13 -1.67
N GLU A 279 -8.26 26.72 -2.70
CA GLU A 279 -8.95 25.42 -2.72
C GLU A 279 -8.24 24.40 -3.62
N GLU A 280 -8.46 23.13 -3.32
CA GLU A 280 -7.83 22.02 -4.04
C GLU A 280 -8.82 20.88 -4.19
N LEU A 281 -8.46 19.91 -5.04
CA LEU A 281 -9.33 18.79 -5.39
C LEU A 281 -8.66 17.49 -4.93
N TYR A 282 -9.32 16.77 -4.01
CA TYR A 282 -8.82 15.50 -3.47
C TYR A 282 -9.75 14.35 -3.83
N ASP A 283 -9.17 13.18 -4.07
CA ASP A 283 -9.91 11.93 -4.07
C ASP A 283 -9.83 11.43 -2.63
N LEU A 284 -10.88 11.66 -1.86
CA LEU A 284 -10.92 11.28 -0.44
C LEU A 284 -11.44 9.86 -0.17
N SER A 285 -11.32 8.96 -1.16
CA SER A 285 -11.48 7.52 -0.94
C SER A 285 -10.39 6.96 -0.02
N ALA A 286 -9.22 7.59 -0.04
CA ALA A 286 -8.12 7.23 0.85
C ALA A 286 -7.22 8.43 1.03
N HIS A 287 -6.22 8.27 1.91
CA HIS A 287 -5.20 9.30 2.10
C HIS A 287 -4.28 9.31 0.86
N GLN A 288 -3.60 8.18 0.63
CA GLN A 288 -2.70 8.00 -0.52
C GLN A 288 -3.34 7.02 -1.51
N LEU A 289 -3.41 7.41 -2.79
CA LEU A 289 -3.78 6.51 -3.90
C LEU A 289 -2.52 6.14 -4.69
N TRP A 290 -2.54 5.01 -5.39
CA TRP A 290 -1.42 4.63 -6.27
C TRP A 290 -1.84 4.01 -7.60
N ILE A 291 -1.03 4.23 -8.63
CA ILE A 291 -1.29 3.72 -9.99
C ILE A 291 -0.54 2.41 -10.19
N GLY A 292 -1.17 1.46 -10.88
CA GLY A 292 -0.63 0.12 -11.06
C GLY A 292 0.20 -0.04 -12.32
N GLU A 293 0.84 -1.19 -12.44
CA GLU A 293 1.67 -1.53 -13.60
C GLU A 293 0.83 -1.62 -14.88
N ARG A 294 -0.34 -2.27 -14.79
CA ARG A 294 -1.22 -2.44 -15.96
C ARG A 294 -1.94 -1.17 -16.38
N THR A 295 -2.15 -0.24 -15.44
CA THR A 295 -2.99 0.94 -15.68
C THR A 295 -2.16 2.22 -15.81
N ARG A 296 -0.94 2.08 -16.33
CA ARG A 296 0.14 3.08 -16.16
C ARG A 296 0.34 4.05 -17.34
N GLY A 297 -0.47 3.94 -18.40
CA GLY A 297 -0.27 4.70 -19.62
C GLY A 297 -0.25 6.19 -19.39
N MET A 298 0.71 6.88 -20.01
CA MET A 298 0.88 8.32 -19.81
C MET A 298 -0.35 9.12 -20.26
N ASP A 299 -1.03 8.65 -21.29
CA ASP A 299 -2.24 9.30 -21.80
C ASP A 299 -3.55 8.59 -21.42
N ASP A 300 -3.46 7.47 -20.71
CA ASP A 300 -4.63 6.80 -20.13
C ASP A 300 -5.19 7.58 -18.91
N PHE A 301 -6.37 7.16 -18.46
CA PHE A 301 -7.14 7.82 -17.37
C PHE A 301 -6.38 8.01 -16.05
N HIS A 302 -5.76 6.94 -15.58
CA HIS A 302 -5.30 6.87 -14.18
C HIS A 302 -4.18 7.85 -13.86
N VAL A 303 -3.23 8.00 -14.78
CA VAL A 303 -2.14 8.95 -14.63
C VAL A 303 -2.66 10.38 -14.68
N ASN A 304 -3.64 10.65 -15.56
CA ASN A 304 -4.24 11.99 -15.65
C ASN A 304 -5.17 12.32 -14.48
N PHE A 305 -5.84 11.30 -13.97
CA PHE A 305 -6.65 11.41 -12.75
C PHE A 305 -5.73 11.76 -11.59
N ALA A 306 -4.68 10.96 -11.43
CA ALA A 306 -3.65 11.17 -10.42
C ALA A 306 -3.09 12.60 -10.46
N SER A 307 -2.58 13.02 -11.62
CA SER A 307 -2.01 14.36 -11.79
C SER A 307 -2.92 15.51 -11.36
N MET A 308 -4.23 15.30 -11.49
CA MET A 308 -5.25 16.30 -11.17
C MET A 308 -5.64 16.37 -9.68
N ILE A 309 -5.57 15.24 -8.98
CA ILE A 309 -5.91 15.17 -7.55
C ILE A 309 -4.72 15.53 -6.66
N SER A 310 -4.97 16.25 -5.57
CA SER A 310 -3.90 16.73 -4.66
C SER A 310 -3.43 15.69 -3.63
N ASN A 311 -3.99 14.48 -3.64
CA ASN A 311 -3.50 13.39 -2.79
C ASN A 311 -2.04 13.09 -3.09
N PRO A 312 -1.29 12.61 -2.08
CA PRO A 312 0.02 12.03 -2.41
C PRO A 312 -0.19 10.76 -3.22
N ILE A 313 0.70 10.53 -4.18
CA ILE A 313 0.51 9.51 -5.20
C ILE A 313 1.70 8.57 -5.31
N GLY A 314 1.40 7.28 -5.49
CA GLY A 314 2.38 6.25 -5.81
C GLY A 314 2.23 5.81 -7.25
N ILE A 315 3.26 5.14 -7.78
CA ILE A 315 3.21 4.56 -9.13
C ILE A 315 4.09 3.30 -9.22
N LYS A 316 3.47 2.18 -9.57
CA LYS A 316 4.17 0.90 -9.63
C LYS A 316 5.05 0.84 -10.87
N ILE A 317 6.31 0.43 -10.67
CA ILE A 317 7.37 0.46 -11.68
C ILE A 317 8.03 -0.93 -11.76
N GLY A 318 7.94 -1.57 -12.93
CA GLY A 318 8.53 -2.89 -13.18
C GLY A 318 9.78 -2.86 -14.06
N PRO A 319 10.35 -4.05 -14.40
CA PRO A 319 11.61 -4.17 -15.16
C PRO A 319 11.66 -3.41 -16.50
N GLY A 320 10.55 -3.40 -17.24
CA GLY A 320 10.49 -2.72 -18.53
C GLY A 320 10.55 -1.20 -18.51
N ILE A 321 10.56 -0.61 -17.32
CA ILE A 321 10.73 0.84 -17.18
C ILE A 321 12.10 1.27 -17.72
N THR A 322 12.08 2.31 -18.55
CA THR A 322 13.30 2.98 -18.97
C THR A 322 13.45 4.22 -18.10
N PRO A 323 14.70 4.60 -17.75
CA PRO A 323 14.95 5.84 -17.02
C PRO A 323 14.24 7.08 -17.57
N GLU A 324 14.18 7.19 -18.90
CA GLU A 324 13.61 8.37 -19.56
C GLU A 324 12.10 8.56 -19.33
N GLU A 325 11.34 7.45 -19.31
CA GLU A 325 9.88 7.51 -19.09
C GLU A 325 9.51 7.57 -17.59
N ALA A 326 10.41 7.12 -16.71
CA ALA A 326 10.30 7.36 -15.27
C ALA A 326 10.39 8.85 -14.94
N VAL A 327 11.24 9.57 -15.68
CA VAL A 327 11.32 11.04 -15.59
C VAL A 327 10.05 11.67 -16.15
N ALA A 328 9.55 11.14 -17.27
CA ALA A 328 8.31 11.61 -17.91
C ALA A 328 7.10 11.52 -16.98
N TYR A 329 7.03 10.42 -16.22
CA TYR A 329 6.04 10.26 -15.15
C TYR A 329 6.17 11.35 -14.10
N ALA A 330 7.37 11.46 -13.53
CA ALA A 330 7.68 12.46 -12.49
C ALA A 330 7.32 13.89 -12.89
N ASP A 331 7.56 14.25 -14.15
CA ASP A 331 7.19 15.57 -14.66
C ASP A 331 5.67 15.78 -14.70
N LYS A 332 4.93 14.73 -15.05
CA LYS A 332 3.46 14.78 -15.11
C LYS A 332 2.82 14.75 -13.72
N LEU A 333 3.24 13.77 -12.91
CA LEU A 333 2.65 13.54 -11.57
C LEU A 333 3.15 14.53 -10.51
N ASP A 334 4.40 14.98 -10.62
CA ASP A 334 4.96 16.00 -9.73
C ASP A 334 5.36 17.25 -10.54
N PRO A 335 4.36 17.99 -11.06
CA PRO A 335 4.65 19.14 -11.91
C PRO A 335 5.20 20.39 -11.20
N ASN A 336 5.16 20.42 -9.86
CA ASN A 336 5.69 21.54 -9.08
C ASN A 336 6.87 21.17 -8.16
N PHE A 337 7.45 19.98 -8.40
CA PHE A 337 8.63 19.51 -7.66
C PHE A 337 8.44 19.54 -6.13
N GLU A 338 7.23 19.17 -5.70
CA GLU A 338 6.87 19.12 -4.29
C GLU A 338 7.47 17.83 -3.75
N PRO A 339 8.44 17.91 -2.81
CA PRO A 339 9.03 16.66 -2.34
C PRO A 339 8.03 15.77 -1.60
N GLY A 340 8.09 14.47 -1.88
CA GLY A 340 7.19 13.48 -1.26
C GLY A 340 5.86 13.26 -1.96
N ARG A 341 5.57 14.05 -3.00
CA ARG A 341 4.28 14.00 -3.67
C ARG A 341 4.16 12.69 -4.44
N LEU A 342 5.07 12.49 -5.40
CA LEU A 342 5.16 11.21 -6.09
C LEU A 342 6.01 10.25 -5.27
N THR A 343 5.57 9.00 -5.25
CA THR A 343 6.33 7.88 -4.71
C THR A 343 6.54 6.89 -5.85
N ILE A 344 7.79 6.53 -6.15
CA ILE A 344 8.07 5.55 -7.20
C ILE A 344 8.38 4.21 -6.55
N VAL A 345 7.64 3.19 -6.98
CA VAL A 345 7.59 1.90 -6.31
C VAL A 345 8.23 0.84 -7.20
N ALA A 346 9.43 0.41 -6.84
CA ALA A 346 10.18 -0.58 -7.60
C ALA A 346 9.67 -1.98 -7.31
N ARG A 347 9.09 -2.63 -8.32
CA ARG A 347 8.70 -4.05 -8.26
C ARG A 347 9.30 -4.77 -9.44
N MET A 348 10.60 -5.10 -9.31
CA MET A 348 11.41 -5.58 -10.44
C MET A 348 11.84 -7.05 -10.38
N GLY A 349 11.63 -7.71 -9.24
CA GLY A 349 12.20 -9.05 -9.01
C GLY A 349 13.59 -8.96 -8.44
N HIS A 350 14.00 -10.00 -7.72
CA HIS A 350 15.24 -9.98 -6.94
C HIS A 350 16.49 -9.86 -7.82
N ASP A 351 16.45 -10.48 -9.00
CA ASP A 351 17.53 -10.36 -9.99
C ASP A 351 17.62 -8.96 -10.62
N LYS A 352 16.54 -8.50 -11.24
CA LYS A 352 16.58 -7.30 -12.10
C LYS A 352 16.62 -5.94 -11.38
N VAL A 353 16.44 -5.92 -10.05
CA VAL A 353 16.40 -4.66 -9.28
C VAL A 353 17.77 -3.95 -9.24
N ARG A 354 18.85 -4.71 -9.04
CA ARG A 354 20.22 -4.14 -9.08
C ARG A 354 20.55 -3.57 -10.45
N SER A 355 20.09 -4.24 -11.51
CA SER A 355 20.38 -3.87 -12.89
C SER A 355 19.63 -2.63 -13.35
N VAL A 356 18.30 -2.66 -13.17
CA VAL A 356 17.42 -1.66 -13.79
C VAL A 356 17.34 -0.36 -12.99
N LEU A 357 17.30 -0.47 -11.66
CA LEU A 357 16.96 0.66 -10.78
C LEU A 357 17.95 1.84 -10.78
N PRO A 358 19.28 1.57 -10.74
CA PRO A 358 20.26 2.67 -10.66
C PRO A 358 20.12 3.74 -11.73
N GLY A 359 19.84 3.33 -12.97
CA GLY A 359 19.60 4.27 -14.07
C GLY A 359 18.38 5.12 -13.85
N VAL A 360 17.34 4.54 -13.24
CA VAL A 360 16.08 5.25 -12.96
C VAL A 360 16.30 6.30 -11.87
N ILE A 361 16.98 5.92 -10.80
CA ILE A 361 17.28 6.85 -9.70
C ILE A 361 18.15 8.02 -10.20
N GLN A 362 19.26 7.70 -10.86
CA GLN A 362 20.18 8.71 -11.40
C GLN A 362 19.48 9.77 -12.25
N ALA A 363 18.60 9.32 -13.14
CA ALA A 363 17.88 10.20 -14.07
C ALA A 363 16.80 11.02 -13.37
N VAL A 364 16.04 10.37 -12.50
CA VAL A 364 14.97 11.03 -11.75
C VAL A 364 15.54 12.06 -10.77
N GLU A 365 16.60 11.67 -10.05
CA GLU A 365 17.30 12.60 -9.15
C GLU A 365 17.88 13.80 -9.90
N ALA A 366 18.49 13.52 -11.06
CA ALA A 366 19.05 14.58 -11.92
C ALA A 366 18.03 15.61 -12.40
N SER A 367 16.80 15.14 -12.68
CA SER A 367 15.73 16.01 -13.19
C SER A 367 15.18 17.00 -12.16
N GLY A 368 15.49 16.79 -10.87
CA GLY A 368 15.12 17.71 -9.80
C GLY A 368 13.91 17.30 -8.97
N HIS A 369 13.60 16.00 -8.98
CA HIS A 369 12.45 15.46 -8.25
C HIS A 369 12.92 14.66 -7.03
N LYS A 370 12.55 15.15 -5.84
CA LYS A 370 12.70 14.39 -4.60
C LYS A 370 11.46 13.53 -4.41
N VAL A 371 11.48 12.35 -5.03
CA VAL A 371 10.42 11.36 -4.86
C VAL A 371 10.80 10.43 -3.71
N ILE A 372 9.82 9.63 -3.28
CA ILE A 372 10.07 8.58 -2.31
C ILE A 372 10.39 7.31 -3.11
N TRP A 373 11.59 6.79 -2.91
CA TRP A 373 11.98 5.53 -3.52
C TRP A 373 11.49 4.43 -2.59
N GLN A 374 10.46 3.72 -3.05
CA GLN A 374 9.84 2.65 -2.28
C GLN A 374 10.09 1.33 -2.99
N SER A 375 10.26 0.27 -2.20
CA SER A 375 10.47 -1.08 -2.73
C SER A 375 9.21 -1.90 -2.55
N ASP A 376 8.74 -2.50 -3.64
CA ASP A 376 7.70 -3.53 -3.60
C ASP A 376 8.33 -4.87 -4.00
N PRO A 377 8.80 -5.66 -3.01
CA PRO A 377 9.39 -6.95 -3.32
C PRO A 377 8.38 -8.09 -3.45
N MET A 378 7.12 -7.79 -3.79
CA MET A 378 6.05 -8.77 -3.80
C MET A 378 5.55 -9.08 -5.21
N HIS A 379 5.10 -8.07 -5.93
CA HIS A 379 4.50 -8.24 -7.26
C HIS A 379 5.51 -8.50 -8.40
N GLY A 380 6.81 -8.39 -8.11
CA GLY A 380 7.87 -8.78 -9.04
C GLY A 380 8.33 -10.24 -8.95
N ASN A 381 8.09 -10.88 -7.80
CA ASN A 381 8.64 -12.22 -7.51
C ASN A 381 7.57 -13.31 -7.36
N THR A 382 6.50 -13.21 -8.14
CA THR A 382 5.36 -14.14 -8.05
C THR A 382 5.51 -15.27 -9.08
N PHE A 383 5.61 -16.52 -8.60
CA PHE A 383 5.72 -17.69 -9.49
C PHE A 383 4.75 -18.82 -9.12
N THR A 384 4.34 -19.61 -10.12
CA THR A 384 3.45 -20.76 -9.92
C THR A 384 4.27 -21.97 -9.45
N ALA A 385 3.95 -22.47 -8.25
CA ALA A 385 4.72 -23.55 -7.63
C ALA A 385 4.40 -24.92 -8.25
N SER A 386 5.16 -25.93 -7.83
CA SER A 386 4.92 -27.32 -8.25
C SER A 386 3.59 -27.87 -7.75
N ASN A 387 3.14 -27.38 -6.60
CA ASN A 387 1.83 -27.72 -6.03
C ASN A 387 0.64 -27.31 -6.91
N GLY A 388 0.78 -26.21 -7.64
CA GLY A 388 -0.31 -25.61 -8.44
C GLY A 388 -0.65 -24.21 -7.94
N TYR A 389 -0.59 -24.03 -6.62
CA TYR A 389 -0.83 -22.74 -5.96
C TYR A 389 0.18 -21.70 -6.41
N LYS A 390 -0.25 -20.44 -6.52
CA LYS A 390 0.66 -19.31 -6.78
C LYS A 390 1.32 -18.92 -5.46
N THR A 391 2.65 -18.80 -5.46
CA THR A 391 3.41 -18.44 -4.25
C THR A 391 4.58 -17.49 -4.53
N ARG A 392 5.14 -16.97 -3.44
CA ARG A 392 6.38 -16.21 -3.46
C ARG A 392 7.30 -16.83 -2.41
N HIS A 393 8.60 -16.90 -2.71
CA HIS A 393 9.58 -17.41 -1.74
C HIS A 393 10.14 -16.24 -0.93
N PHE A 394 10.13 -16.40 0.40
CA PHE A 394 10.55 -15.37 1.34
C PHE A 394 11.93 -14.80 1.03
N ASP A 395 12.91 -15.69 0.89
CA ASP A 395 14.31 -15.32 0.62
C ASP A 395 14.48 -14.40 -0.59
N LYS A 396 13.70 -14.62 -1.65
CA LYS A 396 13.69 -13.75 -2.83
C LYS A 396 13.08 -12.37 -2.54
N VAL A 397 12.04 -12.34 -1.70
CA VAL A 397 11.40 -11.09 -1.30
C VAL A 397 12.41 -10.22 -0.55
N ILE A 398 13.07 -10.82 0.44
CA ILE A 398 14.12 -10.15 1.23
C ILE A 398 15.24 -9.67 0.32
N ASP A 399 15.65 -10.53 -0.62
CA ASP A 399 16.77 -10.21 -1.50
C ASP A 399 16.50 -9.01 -2.39
N GLU A 400 15.27 -8.83 -2.87
CA GLU A 400 14.95 -7.63 -3.65
C GLU A 400 15.11 -6.36 -2.82
N VAL A 401 14.77 -6.44 -1.54
CA VAL A 401 14.94 -5.30 -0.62
C VAL A 401 16.43 -5.13 -0.32
N GLN A 402 17.14 -6.23 -0.10
CA GLN A 402 18.60 -6.22 0.10
C GLN A 402 19.31 -5.47 -1.03
N GLY A 403 18.95 -5.80 -2.27
CA GLY A 403 19.48 -5.14 -3.46
C GLY A 403 18.99 -3.72 -3.67
N PHE A 404 17.77 -3.45 -3.22
CA PHE A 404 17.19 -2.10 -3.24
C PHE A 404 18.03 -1.13 -2.40
N PHE A 405 18.40 -1.56 -1.20
CA PHE A 405 19.28 -0.77 -0.32
C PHE A 405 20.68 -0.62 -0.90
N GLU A 406 21.25 -1.72 -1.39
CA GLU A 406 22.56 -1.71 -2.07
C GLU A 406 22.67 -0.68 -3.18
N VAL A 407 21.61 -0.56 -3.98
CA VAL A 407 21.53 0.46 -5.04
C VAL A 407 21.55 1.88 -4.45
N HIS A 408 20.86 2.07 -3.34
CA HIS A 408 20.81 3.37 -2.64
C HIS A 408 22.11 3.72 -1.91
N ARG A 409 22.68 2.73 -1.22
CA ARG A 409 23.95 2.89 -0.50
C ARG A 409 25.07 3.29 -1.47
N ALA A 410 25.16 2.56 -2.59
CA ALA A 410 26.15 2.82 -3.63
C ALA A 410 25.94 4.16 -4.37
N LEU A 411 24.69 4.57 -4.56
CA LEU A 411 24.38 5.81 -5.28
C LEU A 411 24.31 7.02 -4.35
N GLY A 412 24.21 6.78 -3.04
CA GLY A 412 24.13 7.87 -2.06
C GLY A 412 22.78 8.57 -2.06
N THR A 413 21.71 7.80 -2.25
CA THR A 413 20.34 8.30 -2.20
C THR A 413 19.63 7.60 -1.05
N HIS A 414 18.44 8.07 -0.70
CA HIS A 414 17.72 7.58 0.48
C HIS A 414 16.67 6.52 0.16
N PRO A 415 16.80 5.30 0.74
CA PRO A 415 15.74 4.30 0.58
C PRO A 415 14.50 4.69 1.39
N GLY A 416 13.47 5.16 0.69
CA GLY A 416 12.30 5.78 1.32
C GLY A 416 11.34 4.88 2.07
N GLY A 417 11.16 3.65 1.60
CA GLY A 417 10.20 2.75 2.23
C GLY A 417 10.09 1.37 1.61
N ILE A 418 9.24 0.56 2.22
CA ILE A 418 8.86 -0.75 1.67
C ILE A 418 7.35 -0.78 1.40
N HIS A 419 6.92 -1.80 0.65
CA HIS A 419 5.53 -1.99 0.26
C HIS A 419 5.31 -3.49 0.18
N ILE A 420 4.81 -4.07 1.27
CA ILE A 420 4.65 -5.52 1.34
C ILE A 420 3.18 -5.94 1.48
N GLU A 421 2.88 -7.19 1.15
CA GLU A 421 1.53 -7.75 1.27
C GLU A 421 1.62 -8.78 2.41
N PHE A 422 0.86 -8.57 3.48
CA PHE A 422 0.88 -9.46 4.65
C PHE A 422 -0.51 -9.66 5.27
N THR A 423 -0.56 -10.56 6.25
CA THR A 423 -1.73 -10.72 7.12
C THR A 423 -1.31 -11.19 8.53
N GLY A 424 -1.99 -10.66 9.53
CA GLY A 424 -1.75 -11.04 10.92
C GLY A 424 -2.24 -12.43 11.29
N GLU A 425 -3.09 -13.04 10.44
CA GLU A 425 -3.49 -14.45 10.60
C GLU A 425 -2.32 -15.41 10.41
N ASP A 426 -2.40 -16.57 11.08
CA ASP A 426 -1.40 -17.65 10.92
C ASP A 426 -1.73 -18.47 9.67
N VAL A 427 -1.44 -17.88 8.51
CA VAL A 427 -1.67 -18.48 7.20
C VAL A 427 -0.35 -18.98 6.62
N THR A 428 -0.42 -19.84 5.61
CA THR A 428 0.76 -20.39 4.92
C THR A 428 0.64 -20.18 3.40
N GLU A 429 1.09 -19.01 2.95
CA GLU A 429 0.97 -18.60 1.55
C GLU A 429 2.30 -18.38 0.83
N CYS A 430 3.27 -17.81 1.53
CA CYS A 430 4.64 -17.70 1.02
C CYS A 430 5.52 -18.85 1.53
N LEU A 431 6.46 -19.27 0.68
CA LEU A 431 7.45 -20.29 1.04
C LEU A 431 8.58 -19.65 1.84
N GLY A 432 9.30 -20.46 2.60
CA GLY A 432 10.51 -20.03 3.31
C GLY A 432 10.23 -19.45 4.67
N GLY A 433 11.05 -18.48 5.07
CA GLY A 433 10.97 -17.88 6.40
C GLY A 433 11.58 -18.79 7.46
N ALA A 434 11.44 -18.39 8.71
CA ALA A 434 11.99 -19.16 9.84
C ALA A 434 11.29 -20.51 10.01
N GLU A 435 9.97 -20.53 9.86
CA GLU A 435 9.17 -21.75 10.06
C GLU A 435 9.29 -22.81 8.95
N ASP A 436 9.99 -22.49 7.86
CA ASP A 436 10.38 -23.48 6.84
C ASP A 436 9.15 -23.99 6.07
N ILE A 437 8.40 -23.04 5.50
CA ILE A 437 7.16 -23.32 4.78
C ILE A 437 7.50 -23.95 3.42
N THR A 438 7.18 -25.24 3.27
CA THR A 438 7.41 -25.98 2.02
C THR A 438 6.14 -25.99 1.14
N ASP A 439 6.22 -26.61 -0.03
CA ASP A 439 5.07 -26.73 -0.95
C ASP A 439 3.90 -27.54 -0.37
N VAL A 440 4.20 -28.61 0.37
CA VAL A 440 3.16 -29.43 1.02
C VAL A 440 2.43 -28.74 2.19
N ASP A 441 3.05 -27.69 2.76
CA ASP A 441 2.40 -26.85 3.79
C ASP A 441 1.32 -25.89 3.24
N LEU A 442 1.38 -25.57 1.94
CA LEU A 442 0.52 -24.54 1.32
C LEU A 442 -1.00 -24.76 1.39
N PRO A 443 -1.49 -26.00 1.11
CA PRO A 443 -2.93 -26.26 1.26
C PRO A 443 -3.43 -26.47 2.72
N GLY A 444 -2.54 -26.35 3.71
CA GLY A 444 -2.94 -26.41 5.12
C GLY A 444 -3.85 -25.28 5.55
N ARG A 445 -3.49 -24.05 5.16
CA ARG A 445 -4.35 -22.88 5.36
C ARG A 445 -3.99 -21.78 4.36
N TYR A 446 -4.93 -21.48 3.46
CA TYR A 446 -4.73 -20.53 2.35
C TYR A 446 -6.00 -19.70 2.15
N GLU A 447 -5.94 -18.40 2.50
CA GLU A 447 -7.14 -17.55 2.61
C GLU A 447 -7.16 -16.29 1.72
N SER A 448 -6.15 -16.09 0.87
CA SER A 448 -6.03 -14.84 0.10
C SER A 448 -6.94 -14.79 -1.14
N ALA A 449 -7.51 -13.61 -1.38
CA ALA A 449 -8.41 -13.37 -2.52
C ALA A 449 -7.65 -13.29 -3.84
N CYS A 450 -6.38 -12.89 -3.79
CA CYS A 450 -5.49 -12.95 -4.96
C CYS A 450 -4.07 -13.37 -4.58
N ASP A 451 -3.15 -12.42 -4.37
CA ASP A 451 -1.71 -12.74 -4.25
C ASP A 451 -1.38 -13.40 -2.91
N PRO A 452 -0.26 -14.14 -2.84
CA PRO A 452 0.14 -14.72 -1.56
C PRO A 452 0.82 -13.69 -0.66
N ARG A 453 0.48 -13.75 0.63
CA ARG A 453 0.86 -12.74 1.62
C ARG A 453 1.83 -13.31 2.64
N LEU A 454 2.61 -12.43 3.26
CA LEU A 454 3.50 -12.82 4.35
C LEU A 454 2.70 -13.26 5.58
N ASN A 455 2.96 -14.50 6.02
CA ASN A 455 2.61 -15.01 7.34
C ASN A 455 3.03 -14.01 8.44
N THR A 456 2.24 -13.91 9.51
CA THR A 456 2.55 -12.95 10.61
C THR A 456 4.01 -13.02 11.12
N GLN A 457 4.56 -14.23 11.25
CA GLN A 457 5.97 -14.43 11.58
C GLN A 457 6.88 -13.84 10.51
N GLN A 458 6.57 -14.14 9.25
CA GLN A 458 7.34 -13.65 8.10
C GLN A 458 7.31 -12.12 7.97
N SER A 459 6.19 -11.51 8.40
CA SER A 459 6.04 -10.04 8.41
C SER A 459 7.01 -9.40 9.40
N LEU A 460 7.04 -9.94 10.62
CA LEU A 460 7.91 -9.43 11.69
C LEU A 460 9.37 -9.74 11.39
N GLU A 461 9.63 -10.96 10.92
CA GLU A 461 10.97 -11.38 10.49
C GLU A 461 11.54 -10.46 9.41
N LEU A 462 10.70 -10.12 8.42
CA LEU A 462 11.09 -9.16 7.38
C LEU A 462 11.49 -7.82 7.98
N ALA A 463 10.68 -7.34 8.92
CA ALA A 463 10.96 -6.07 9.59
C ALA A 463 12.35 -6.06 10.25
N PHE A 464 12.68 -7.13 10.95
CA PHE A 464 13.99 -7.25 11.60
C PHE A 464 15.14 -7.18 10.61
N LEU A 465 15.01 -7.90 9.49
CA LEU A 465 16.05 -7.91 8.46
C LEU A 465 16.17 -6.57 7.73
N VAL A 466 15.03 -5.93 7.45
CA VAL A 466 15.05 -4.60 6.81
C VAL A 466 15.58 -3.55 7.78
N ALA A 467 15.33 -3.75 9.08
CA ALA A 467 15.94 -2.91 10.12
C ALA A 467 17.46 -3.06 10.09
N GLU A 468 17.95 -4.31 10.05
CA GLU A 468 19.39 -4.61 9.96
C GLU A 468 20.05 -3.99 8.71
N MET A 469 19.30 -3.96 7.60
CA MET A 469 19.74 -3.30 6.37
C MET A 469 19.79 -1.78 6.50
N LEU A 470 18.85 -1.20 7.23
CA LEU A 470 18.83 0.24 7.52
C LEU A 470 20.01 0.72 8.40
N ARG A 471 20.61 -0.18 9.18
CA ARG A 471 21.73 0.17 10.07
C ARG A 471 23.03 0.25 9.26
N ASN A 472 23.35 -0.84 8.56
CA ASN A 472 24.61 -0.98 7.83
C ASN A 472 24.56 -0.28 6.46
MN MN B . -0.96 -8.02 -4.69
C1 PEP C . -1.25 -4.61 -6.54
O1 PEP C . -0.89 -3.98 -5.52
O2' PEP C . -1.77 -5.75 -6.47
C2 PEP C . -1.03 -3.98 -7.86
C3 PEP C . -1.60 -2.81 -8.10
O2 PEP C . -0.22 -4.64 -8.86
P PEP C . 1.14 -4.01 -9.48
O1P PEP C . 2.07 -3.81 -8.31
O2P PEP C . 1.58 -5.13 -10.38
O3P PEP C . 0.74 -2.73 -10.19
C1 MPD D . 30.75 7.64 -0.85
C2 MPD D . 29.33 7.16 -1.14
O2 MPD D . 29.29 6.53 -2.41
CM MPD D . 28.93 6.11 -0.09
C3 MPD D . 28.33 8.31 -1.13
C4 MPD D . 28.50 9.33 -2.27
O4 MPD D . 28.21 8.71 -3.53
C5 MPD D . 27.56 10.52 -2.09
C1 MPD E . -23.20 -3.59 3.08
C2 MPD E . -22.51 -4.63 3.96
O2 MPD E . -21.42 -3.99 4.64
CM MPD E . -23.48 -5.16 5.00
C3 MPD E . -22.00 -5.74 3.04
C4 MPD E . -21.19 -6.88 3.70
O4 MPD E . -20.66 -6.51 4.98
C5 MPD E . -22.02 -8.14 3.84
C1 MPD F . -3.77 8.61 10.07
C2 MPD F . -4.70 9.37 10.99
O2 MPD F . -4.02 9.77 12.17
CM MPD F . -5.12 10.67 10.30
C3 MPD F . -5.95 8.54 11.34
C4 MPD F . -5.82 7.44 12.43
O4 MPD F . -4.78 6.49 12.13
C5 MPD F . -5.62 7.99 13.84
N TRP G . 3.31 8.27 17.62
CA TRP G . 4.73 8.11 17.21
C TRP G . 4.88 7.74 15.73
O TRP G . 5.97 7.71 15.18
CB TRP G . 5.44 7.06 18.09
CG TRP G . 4.85 5.69 17.99
CD1 TRP G . 3.80 5.19 18.71
CD2 TRP G . 5.27 4.63 17.13
NE1 TRP G . 3.53 3.90 18.34
CE2 TRP G . 4.42 3.52 17.37
CE3 TRP G . 6.27 4.52 16.16
CZ2 TRP G . 4.55 2.31 16.68
CZ3 TRP G . 6.40 3.30 15.47
CH2 TRP G . 5.54 2.22 15.74
OXT TRP G . 3.89 7.45 15.04
P PO4 H . -0.82 19.35 -8.07
O1 PO4 H . -0.54 20.33 -6.95
O2 PO4 H . -0.12 19.78 -9.33
O3 PO4 H . -0.29 17.98 -7.68
O4 PO4 H . -2.31 19.28 -8.32
P PO4 I . -13.60 5.54 -19.78
O1 PO4 I . -12.78 6.19 -18.70
O2 PO4 I . -13.62 6.41 -21.02
O3 PO4 I . -13.00 4.21 -20.17
O4 PO4 I . -14.99 5.37 -19.22
#